data_6YI7
#
_entry.id   6YI7
#
_cell.length_a   32.934
_cell.length_b   78.965
_cell.length_c   89.954
_cell.angle_alpha   90.000
_cell.angle_beta   90.000
_cell.angle_gamma   90.000
#
_symmetry.space_group_name_H-M   'P 21 21 21'
#
loop_
_entity.id
_entity.type
_entity.pdbx_description
1 polymer 'Cathepsin B-like peptidase (C01 family)'
2 non-polymer 'ACETATE ION'
3 non-polymer 1-[(2~{S})-1-[[iminomethyl(methyl)amino]-methyl-amino]-4-methyl-1-oxidanylidene-pentan-2-yl]-3-(phenylmethyl)urea
4 water water
#
_entity_poly.entity_id   1
_entity_poly.type   'polypeptide(L)'
_entity_poly.pdbx_seq_one_letter_code
;VEIPSSFDSRKKWPRCKSIATIRDQSRCGSCWAFGAVEAMSDRSCIQSGGKQNVELSAVDLLSCCESCGLGCEGGILGPA
WDYWVKEGIVTGSSKENHAGCEPYPFPKCEHHTKGKYPPCGSKIYKTPRCKQTCQKKYKTPYTQDKHRGKSSYNVKNDEK
AIQKEIMKYGPVEAGFTVYEDFLNYKSGIYKHITGETLGGHAIRIIGWGVENKAPYWLIANSWNEDWGENGYFRIVRGRD
ECSIESEVTAGRIN
;
_entity_poly.pdbx_strand_id   A
#
loop_
_chem_comp.id
_chem_comp.type
_chem_comp.name
_chem_comp.formula
ACT non-polymer 'ACETATE ION' 'C2 H3 O2 -1'
ORW non-polymer 1-[(2~{S})-1-[[iminomethyl(methyl)amino]-methyl-amino]-4-methyl-1-oxidanylidene-pentan-2-yl]-3-(phenylmethyl)urea 'C17 H27 N5 O2'
#
# COMPACT_ATOMS: atom_id res chain seq x y z
N VAL A 1 9.42 -23.28 8.25
CA VAL A 1 10.16 -23.32 6.95
C VAL A 1 11.37 -22.40 7.02
N GLU A 2 12.35 -22.60 6.12
CA GLU A 2 13.52 -21.78 6.17
C GLU A 2 13.33 -20.44 5.47
N ILE A 3 13.70 -19.37 6.16
CA ILE A 3 13.58 -18.04 5.62
C ILE A 3 14.82 -17.71 4.78
N PRO A 4 14.64 -17.38 3.51
CA PRO A 4 15.76 -17.03 2.66
C PRO A 4 16.37 -15.68 3.02
N SER A 5 17.63 -15.49 2.65
CA SER A 5 18.34 -14.24 2.92
C SER A 5 17.71 -13.06 2.22
N SER A 6 17.08 -13.31 1.07
CA SER A 6 16.33 -12.27 0.39
CA SER A 6 16.37 -12.28 0.33
C SER A 6 15.04 -12.84 -0.14
N PHE A 7 14.06 -11.96 -0.31
CA PHE A 7 12.75 -12.32 -0.85
C PHE A 7 12.14 -11.11 -1.52
N ASP A 8 11.55 -11.34 -2.70
CA ASP A 8 10.87 -10.27 -3.42
C ASP A 8 9.58 -10.84 -3.96
N SER A 9 8.44 -10.33 -3.45
CA SER A 9 7.13 -10.82 -3.90
C SER A 9 6.93 -10.67 -5.38
N ARG A 10 7.56 -9.68 -5.99
CA ARG A 10 7.44 -9.45 -7.44
C ARG A 10 7.99 -10.64 -8.22
N LYS A 11 9.03 -11.26 -7.70
CA LYS A 11 9.67 -12.39 -8.34
C LYS A 11 8.97 -13.69 -8.02
N LYS A 12 8.35 -13.81 -6.84
CA LYS A 12 7.69 -15.06 -6.49
C LYS A 12 6.36 -15.20 -7.26
N TRP A 13 5.59 -14.12 -7.40
CA TRP A 13 4.26 -14.16 -8.01
C TRP A 13 4.09 -13.19 -9.15
N PRO A 14 4.95 -13.31 -10.19
CA PRO A 14 4.93 -12.29 -11.22
C PRO A 14 3.70 -12.27 -12.09
N ARG A 15 2.94 -13.36 -12.09
CA ARG A 15 1.65 -13.32 -12.81
CA ARG A 15 1.62 -13.33 -12.80
C ARG A 15 0.68 -12.27 -12.23
N CYS A 16 0.88 -11.92 -10.95
CA CYS A 16 -0.01 -10.98 -10.27
C CYS A 16 0.49 -9.58 -10.54
N LYS A 17 -0.15 -8.88 -11.47
CA LYS A 17 0.34 -7.60 -11.95
C LYS A 17 0.32 -6.50 -10.95
N SER A 18 -0.54 -6.61 -9.94
CA SER A 18 -0.54 -5.56 -8.92
C SER A 18 0.75 -5.48 -8.17
N ILE A 19 1.46 -6.61 -8.04
CA ILE A 19 2.58 -6.65 -7.05
C ILE A 19 3.68 -5.66 -7.43
N ALA A 20 3.92 -5.49 -8.75
CA ALA A 20 4.91 -4.52 -9.24
C ALA A 20 4.29 -3.22 -9.75
N THR A 21 3.10 -2.90 -9.31
CA THR A 21 2.46 -1.69 -9.71
C THR A 21 2.63 -0.65 -8.59
N ILE A 22 3.30 0.45 -8.89
CA ILE A 22 3.40 1.62 -8.01
C ILE A 22 2.28 2.57 -8.31
N ARG A 23 1.62 3.01 -7.26
CA ARG A 23 0.47 3.94 -7.31
C ARG A 23 0.87 5.34 -6.79
N ASP A 24 -0.02 6.30 -6.98
CA ASP A 24 0.14 7.67 -6.43
C ASP A 24 -1.13 8.10 -5.75
N GLN A 25 -1.04 8.34 -4.47
CA GLN A 25 -2.16 8.84 -3.67
C GLN A 25 -2.52 10.30 -3.93
N SER A 26 -1.67 11.02 -4.67
CA SER A 26 -1.94 12.42 -5.02
C SER A 26 -1.97 13.31 -3.78
N ARG A 27 -2.69 14.42 -3.88
CA ARG A 27 -2.75 15.45 -2.81
C ARG A 27 -3.86 15.08 -1.78
N CYS A 28 -3.76 13.88 -1.27
CA CYS A 28 -4.76 13.36 -0.39
C CYS A 28 -3.99 12.48 0.61
N GLY A 29 -4.35 12.58 1.88
CA GLY A 29 -3.73 11.75 2.94
C GLY A 29 -4.27 10.34 3.06
N SER A 30 -4.25 9.63 1.96
CA SER A 30 -4.88 8.32 1.82
C SER A 30 -3.88 7.22 1.75
N CYS A 31 -2.66 7.44 2.27
CA CYS A 31 -1.63 6.37 2.32
C CYS A 31 -2.21 5.13 2.98
N TRP A 32 -3.00 5.30 4.03
CA TRP A 32 -3.61 4.19 4.74
C TRP A 32 -4.42 3.27 3.81
N ALA A 33 -5.14 3.91 2.90
CA ALA A 33 -6.01 3.20 1.95
C ALA A 33 -5.22 2.62 0.78
N PHE A 34 -4.17 3.32 0.36
CA PHE A 34 -3.29 2.79 -0.68
C PHE A 34 -2.53 1.55 -0.28
N GLY A 35 -1.84 1.59 0.87
CA GLY A 35 -1.13 0.39 1.30
C GLY A 35 -2.09 -0.78 1.42
N ALA A 36 -3.31 -0.51 1.91
CA ALA A 36 -4.35 -1.53 2.01
C ALA A 36 -4.75 -2.11 0.67
N VAL A 37 -5.26 -1.27 -0.23
CA VAL A 37 -5.77 -1.84 -1.48
C VAL A 37 -4.68 -2.45 -2.32
N GLU A 38 -3.45 -1.96 -2.19
CA GLU A 38 -2.31 -2.57 -2.92
C GLU A 38 -2.08 -3.99 -2.42
N ALA A 39 -1.90 -4.16 -1.10
CA ALA A 39 -1.64 -5.48 -0.55
C ALA A 39 -2.84 -6.40 -0.71
N MET A 40 -4.06 -5.85 -0.58
CA MET A 40 -5.28 -6.63 -0.83
C MET A 40 -5.33 -7.15 -2.28
N SER A 41 -4.96 -6.29 -3.24
CA SER A 41 -4.91 -6.69 -4.65
C SER A 41 -3.91 -7.84 -4.82
N ASP A 42 -2.73 -7.67 -4.22
CA ASP A 42 -1.70 -8.65 -4.33
C ASP A 42 -2.21 -9.99 -3.78
N ARG A 43 -2.74 -9.94 -2.54
CA ARG A 43 -3.13 -11.17 -1.85
C ARG A 43 -4.34 -11.86 -2.48
N SER A 44 -5.24 -11.06 -3.04
CA SER A 44 -6.39 -11.64 -3.75
C SER A 44 -5.89 -12.50 -4.92
N CYS A 45 -4.88 -12.03 -5.61
CA CYS A 45 -4.28 -12.78 -6.71
C CYS A 45 -3.44 -13.94 -6.23
N ILE A 46 -2.56 -13.69 -5.29
CA ILE A 46 -1.64 -14.75 -4.79
C ILE A 46 -2.44 -15.94 -4.23
N GLN A 47 -3.42 -15.60 -3.40
CA GLN A 47 -4.12 -16.62 -2.60
C GLN A 47 -5.21 -17.33 -3.40
N SER A 48 -5.49 -16.85 -4.62
CA SER A 48 -6.44 -17.49 -5.55
C SER A 48 -5.68 -18.10 -6.72
N GLY A 49 -4.35 -18.24 -6.63
CA GLY A 49 -3.60 -18.87 -7.71
C GLY A 49 -3.67 -18.10 -9.03
N GLY A 50 -3.89 -16.79 -8.93
CA GLY A 50 -4.01 -15.89 -10.09
C GLY A 50 -5.41 -15.75 -10.68
N LYS A 51 -6.40 -16.41 -10.09
CA LYS A 51 -7.78 -16.33 -10.60
C LYS A 51 -8.31 -14.91 -10.49
N GLN A 52 -8.07 -14.28 -9.33
CA GLN A 52 -8.34 -12.84 -9.20
C GLN A 52 -7.07 -12.11 -9.64
N ASN A 53 -7.16 -11.24 -10.62
CA ASN A 53 -6.00 -10.51 -11.04
C ASN A 53 -6.49 -9.12 -11.33
N VAL A 54 -6.75 -8.41 -10.24
CA VAL A 54 -7.42 -7.09 -10.29
C VAL A 54 -6.68 -6.00 -9.52
N GLU A 55 -7.04 -4.77 -9.83
CA GLU A 55 -6.55 -3.57 -9.16
CA GLU A 55 -6.55 -3.57 -9.12
C GLU A 55 -7.72 -3.03 -8.35
N LEU A 56 -7.64 -3.19 -7.02
CA LEU A 56 -8.72 -2.74 -6.19
C LEU A 56 -8.68 -1.21 -6.03
N SER A 57 -9.90 -0.65 -5.89
CA SER A 57 -10.14 0.78 -5.89
C SER A 57 -9.74 1.47 -4.60
N ALA A 58 -8.73 2.33 -4.65
CA ALA A 58 -8.38 3.17 -3.49
C ALA A 58 -9.55 4.09 -3.11
N VAL A 59 -10.23 4.68 -4.13
CA VAL A 59 -11.26 5.65 -3.78
C VAL A 59 -12.47 4.98 -3.12
N ASP A 60 -12.83 3.73 -3.48
CA ASP A 60 -13.96 3.10 -2.80
C ASP A 60 -13.68 2.98 -1.29
N LEU A 61 -12.50 2.48 -0.94
CA LEU A 61 -12.14 2.31 0.46
C LEU A 61 -12.05 3.69 1.17
N LEU A 62 -11.35 4.62 0.54
CA LEU A 62 -11.12 5.95 1.09
C LEU A 62 -12.42 6.67 1.39
N SER A 63 -13.36 6.56 0.45
CA SER A 63 -14.59 7.33 0.51
C SER A 63 -15.70 6.67 1.32
N CYS A 64 -15.74 5.34 1.34
CA CYS A 64 -16.87 4.62 1.90
C CYS A 64 -16.64 4.01 3.28
N CYS A 65 -15.39 3.85 3.71
CA CYS A 65 -15.15 3.25 5.03
C CYS A 65 -15.28 4.33 6.11
N GLU A 66 -16.38 4.25 6.86
CA GLU A 66 -16.68 5.23 7.91
C GLU A 66 -15.81 5.09 9.16
N SER A 67 -15.43 3.85 9.47
CA SER A 67 -14.68 3.52 10.68
CA SER A 67 -14.70 3.49 10.67
C SER A 67 -13.18 3.68 10.49
N CYS A 68 -12.76 4.02 9.28
CA CYS A 68 -11.35 4.09 8.94
C CYS A 68 -10.66 5.43 9.18
N GLY A 69 -11.35 6.39 9.76
CA GLY A 69 -10.72 7.65 10.14
C GLY A 69 -11.23 8.85 9.37
N LEU A 70 -10.29 9.64 8.86
CA LEU A 70 -10.54 11.04 8.42
C LEU A 70 -10.27 11.18 6.90
N GLY A 71 -10.29 10.07 6.18
CA GLY A 71 -10.33 10.12 4.72
C GLY A 71 -9.04 10.70 4.10
N CYS A 72 -9.13 11.78 3.31
CA CYS A 72 -7.93 12.47 2.86
C CYS A 72 -7.16 13.19 3.98
N GLU A 73 -7.70 13.16 5.20
CA GLU A 73 -6.97 13.68 6.35
C GLU A 73 -6.32 12.60 7.23
N GLY A 74 -6.26 11.38 6.70
CA GLY A 74 -5.56 10.30 7.37
C GLY A 74 -6.51 9.26 7.93
N GLY A 75 -5.98 8.08 8.15
CA GLY A 75 -6.82 6.96 8.48
C GLY A 75 -6.09 5.87 9.25
N ILE A 76 -6.78 4.74 9.41
CA ILE A 76 -6.43 3.73 10.39
C ILE A 76 -6.41 2.36 9.72
N LEU A 77 -5.36 1.57 9.97
CA LEU A 77 -5.16 0.30 9.23
C LEU A 77 -6.11 -0.82 9.55
N GLY A 78 -6.34 -1.07 10.85
CA GLY A 78 -7.14 -2.22 11.19
C GLY A 78 -8.53 -2.14 10.59
N PRO A 79 -9.18 -0.96 10.67
CA PRO A 79 -10.54 -0.92 10.12
C PRO A 79 -10.59 -1.00 8.60
N ALA A 80 -9.47 -0.64 7.93
CA ALA A 80 -9.39 -0.73 6.49
C ALA A 80 -9.44 -2.21 6.09
N TRP A 81 -8.71 -3.05 6.80
CA TRP A 81 -8.73 -4.49 6.52
C TRP A 81 -10.06 -5.12 6.94
N ASP A 82 -10.64 -4.66 8.04
CA ASP A 82 -11.99 -5.13 8.43
C ASP A 82 -13.03 -4.80 7.38
N TYR A 83 -12.90 -3.59 6.78
CA TYR A 83 -13.83 -3.18 5.72
C TYR A 83 -13.74 -4.13 4.48
N TRP A 84 -12.53 -4.47 4.09
CA TRP A 84 -12.32 -5.44 3.03
C TRP A 84 -12.96 -6.78 3.33
N VAL A 85 -12.85 -7.24 4.59
CA VAL A 85 -13.47 -8.50 4.97
C VAL A 85 -15.00 -8.45 4.90
N LYS A 86 -15.55 -7.35 5.42
CA LYS A 86 -16.97 -7.29 5.66
C LYS A 86 -17.72 -6.75 4.42
N GLU A 87 -17.35 -5.58 3.96
CA GLU A 87 -18.02 -4.91 2.84
CA GLU A 87 -18.01 -4.89 2.84
C GLU A 87 -17.39 -5.21 1.48
N GLY A 88 -16.10 -5.52 1.49
CA GLY A 88 -15.35 -5.66 0.24
C GLY A 88 -15.05 -4.34 -0.43
N ILE A 89 -14.25 -4.42 -1.49
CA ILE A 89 -13.79 -3.22 -2.20
C ILE A 89 -13.92 -3.55 -3.69
N VAL A 90 -14.39 -2.58 -4.47
CA VAL A 90 -14.53 -2.76 -5.91
C VAL A 90 -13.17 -2.54 -6.62
N THR A 91 -13.14 -2.70 -7.96
CA THR A 91 -11.98 -2.43 -8.74
C THR A 91 -11.87 -0.97 -9.13
N GLY A 92 -10.65 -0.57 -9.47
CA GLY A 92 -10.44 0.80 -9.96
C GLY A 92 -8.97 1.14 -10.07
N SER A 93 -8.55 1.68 -11.24
CA SER A 93 -7.19 2.02 -11.51
C SER A 93 -6.87 3.46 -11.10
N SER A 94 -5.75 3.94 -11.62
CA SER A 94 -5.37 5.32 -11.49
C SER A 94 -6.30 6.22 -12.31
N LYS A 95 -6.21 7.54 -12.07
CA LYS A 95 -6.97 8.48 -12.84
C LYS A 95 -6.60 8.39 -14.34
N GLU A 96 -5.33 8.36 -14.64
CA GLU A 96 -4.85 8.40 -15.99
CA GLU A 96 -4.90 8.40 -16.06
C GLU A 96 -5.25 7.13 -16.80
N ASN A 97 -5.32 5.98 -16.14
CA ASN A 97 -5.73 4.74 -16.82
C ASN A 97 -7.24 4.56 -16.91
N HIS A 98 -7.95 5.22 -16.00
CA HIS A 98 -9.39 5.14 -15.79
C HIS A 98 -10.10 3.83 -16.19
N ALA A 99 -9.65 2.78 -15.54
CA ALA A 99 -10.18 1.47 -15.71
C ALA A 99 -10.85 1.02 -14.43
N GLY A 100 -11.68 0.01 -14.60
CA GLY A 100 -12.33 -0.63 -13.46
C GLY A 100 -13.57 0.14 -13.05
N CYS A 101 -14.17 -0.31 -11.93
CA CYS A 101 -15.40 0.31 -11.47
C CYS A 101 -15.23 1.78 -11.05
N GLU A 102 -14.25 2.03 -10.17
CA GLU A 102 -14.06 3.35 -9.58
C GLU A 102 -12.62 3.73 -9.61
N PRO A 103 -12.16 4.29 -10.74
CA PRO A 103 -10.78 4.77 -10.80
C PRO A 103 -10.55 5.99 -9.91
N TYR A 104 -9.30 6.19 -9.56
CA TYR A 104 -8.96 7.27 -8.62
C TYR A 104 -9.21 8.65 -9.24
N PRO A 105 -9.76 9.62 -8.49
CA PRO A 105 -10.14 10.92 -9.06
C PRO A 105 -9.03 11.93 -9.16
N PHE A 106 -7.88 11.64 -8.56
CA PHE A 106 -6.84 12.64 -8.35
C PHE A 106 -5.58 12.32 -9.15
N PRO A 107 -4.95 13.35 -9.72
CA PRO A 107 -3.82 13.15 -10.64
C PRO A 107 -2.45 12.92 -9.94
N LYS A 108 -1.52 12.34 -10.67
CA LYS A 108 -0.17 12.12 -10.15
CA LYS A 108 -0.18 12.12 -10.15
C LYS A 108 0.51 13.46 -9.86
N CYS A 109 1.33 13.45 -8.81
CA CYS A 109 2.07 14.67 -8.46
C CYS A 109 3.34 14.28 -7.69
N GLU A 110 4.34 15.15 -7.67
CA GLU A 110 5.58 14.85 -6.97
C GLU A 110 5.49 15.15 -5.49
N HIS A 111 5.89 14.15 -4.70
CA HIS A 111 5.84 14.22 -3.26
C HIS A 111 7.24 14.57 -2.72
N HIS A 112 7.53 15.86 -2.67
CA HIS A 112 8.80 16.35 -2.13
C HIS A 112 10.04 15.74 -2.80
N THR A 113 10.00 15.68 -4.13
CA THR A 113 11.11 15.15 -4.89
C THR A 113 10.97 15.72 -6.30
N LYS A 114 12.01 15.58 -7.09
CA LYS A 114 12.01 16.14 -8.46
C LYS A 114 11.49 15.14 -9.49
N GLY A 115 10.83 15.64 -10.50
CA GLY A 115 10.46 14.78 -11.61
C GLY A 115 9.50 15.41 -12.58
N LYS A 116 8.87 14.55 -13.36
CA LYS A 116 8.09 14.94 -14.51
C LYS A 116 6.61 15.27 -14.24
N TYR A 117 6.13 15.12 -13.00
CA TYR A 117 4.78 15.44 -12.61
C TYR A 117 4.73 16.79 -11.91
N PRO A 118 3.59 17.46 -11.93
CA PRO A 118 3.47 18.70 -11.14
C PRO A 118 3.79 18.41 -9.67
N PRO A 119 4.36 19.37 -8.96
CA PRO A 119 4.57 19.17 -7.50
C PRO A 119 3.25 18.98 -6.80
N CYS A 120 3.19 18.11 -5.81
CA CYS A 120 1.96 17.99 -5.01
C CYS A 120 1.64 19.27 -4.27
N GLY A 121 2.68 19.90 -3.76
CA GLY A 121 2.48 21.07 -2.90
C GLY A 121 1.84 20.72 -1.57
N SER A 122 1.28 21.74 -0.93
CA SER A 122 0.84 21.64 0.45
C SER A 122 -0.65 21.47 0.67
N LYS A 123 -1.44 21.73 -0.37
CA LYS A 123 -2.89 21.65 -0.26
C LYS A 123 -3.38 20.22 -0.44
N ILE A 124 -4.48 19.92 0.24
CA ILE A 124 -5.08 18.61 0.27
C ILE A 124 -6.50 18.68 -0.30
N TYR A 125 -6.84 17.71 -1.14
CA TYR A 125 -8.23 17.57 -1.62
C TYR A 125 -9.19 17.18 -0.47
N LYS A 126 -10.44 17.59 -0.60
CA LYS A 126 -11.52 17.07 0.24
C LYS A 126 -11.73 15.58 -0.05
N THR A 127 -12.06 14.81 0.98
CA THR A 127 -12.36 13.42 0.78
C THR A 127 -13.51 13.24 -0.21
N PRO A 128 -13.30 12.39 -1.21
CA PRO A 128 -14.39 12.12 -2.15
C PRO A 128 -15.61 11.52 -1.45
N ARG A 129 -16.78 11.78 -2.02
CA ARG A 129 -18.01 11.11 -1.58
C ARG A 129 -18.02 9.63 -1.94
N CYS A 130 -18.76 8.88 -1.12
CA CYS A 130 -18.98 7.45 -1.32
C CYS A 130 -20.09 7.26 -2.34
N LYS A 131 -19.73 7.13 -3.62
CA LYS A 131 -20.71 7.19 -4.69
C LYS A 131 -21.39 5.87 -5.09
N GLN A 132 -20.76 4.76 -4.77
CA GLN A 132 -21.38 3.43 -4.99
CA GLN A 132 -21.35 3.44 -4.99
C GLN A 132 -21.88 3.24 -6.42
N THR A 133 -21.09 3.70 -7.39
CA THR A 133 -21.50 3.70 -8.79
C THR A 133 -20.26 3.48 -9.67
N CYS A 134 -20.27 2.44 -10.50
CA CYS A 134 -19.18 2.20 -11.42
C CYS A 134 -19.25 3.21 -12.54
N GLN A 135 -18.11 3.52 -13.12
CA GLN A 135 -18.05 4.44 -14.24
C GLN A 135 -18.88 3.88 -15.39
N LYS A 136 -19.33 4.80 -16.23
CA LYS A 136 -20.32 4.45 -17.22
C LYS A 136 -19.90 3.26 -18.11
N LYS A 137 -18.63 3.19 -18.52
CA LYS A 137 -18.24 2.12 -19.43
C LYS A 137 -18.08 0.76 -18.78
N TYR A 138 -18.06 0.72 -17.44
CA TYR A 138 -17.82 -0.53 -16.75
C TYR A 138 -19.13 -1.21 -16.49
N LYS A 139 -19.28 -2.42 -17.01
CA LYS A 139 -20.60 -3.01 -17.15
C LYS A 139 -20.98 -4.00 -16.07
N THR A 140 -20.39 -3.85 -14.90
CA THR A 140 -20.78 -4.59 -13.70
C THR A 140 -21.30 -3.59 -12.63
N PRO A 141 -22.46 -3.88 -12.00
CA PRO A 141 -22.94 -2.97 -10.99
C PRO A 141 -22.01 -2.94 -9.79
N TYR A 142 -21.86 -1.78 -9.17
CA TYR A 142 -21.01 -1.57 -8.05
C TYR A 142 -21.01 -2.71 -7.02
N THR A 143 -22.17 -3.14 -6.54
CA THR A 143 -22.15 -4.11 -5.44
C THR A 143 -21.61 -5.47 -5.91
N GLN A 144 -21.76 -5.73 -7.20
CA GLN A 144 -21.34 -7.01 -7.80
C GLN A 144 -19.88 -7.04 -8.21
N ASP A 145 -19.22 -5.89 -8.07
CA ASP A 145 -17.78 -5.78 -8.34
C ASP A 145 -16.96 -5.85 -7.08
N LYS A 146 -17.60 -6.08 -5.94
CA LYS A 146 -16.89 -6.17 -4.65
C LYS A 146 -16.08 -7.44 -4.54
N HIS A 147 -14.90 -7.26 -3.95
CA HIS A 147 -13.93 -8.34 -3.61
C HIS A 147 -13.74 -8.30 -2.11
N ARG A 148 -13.96 -9.44 -1.45
CA ARG A 148 -13.89 -9.54 -0.01
C ARG A 148 -12.81 -10.48 0.51
N GLY A 149 -12.29 -10.10 1.66
CA GLY A 149 -11.43 -11.01 2.42
C GLY A 149 -12.24 -11.90 3.35
N LYS A 150 -11.56 -12.91 3.93
CA LYS A 150 -12.12 -13.77 4.98
C LYS A 150 -11.63 -13.38 6.38
N SER A 151 -10.36 -12.99 6.51
CA SER A 151 -9.84 -12.58 7.82
C SER A 151 -8.91 -11.40 7.67
N SER A 152 -8.74 -10.68 8.77
CA SER A 152 -7.73 -9.68 8.88
C SER A 152 -7.12 -9.69 10.25
N TYR A 153 -5.89 -9.21 10.36
CA TYR A 153 -5.13 -9.40 11.60
C TYR A 153 -3.94 -8.47 11.59
N ASN A 154 -3.46 -8.18 12.80
CA ASN A 154 -2.15 -7.60 12.98
C ASN A 154 -1.10 -8.71 13.07
N VAL A 155 0.07 -8.43 12.53
CA VAL A 155 1.19 -9.35 12.62
C VAL A 155 2.04 -8.92 13.82
N LYS A 156 2.51 -9.92 14.58
CA LYS A 156 3.40 -9.77 15.73
C LYS A 156 4.62 -8.88 15.40
N ASN A 157 5.07 -8.02 16.36
CA ASN A 157 6.34 -7.23 16.22
C ASN A 157 7.51 -8.16 16.38
N ASP A 158 7.72 -8.98 15.35
CA ASP A 158 8.81 -9.96 15.33
C ASP A 158 9.24 -10.10 13.87
N GLU A 159 10.53 -9.89 13.62
CA GLU A 159 11.06 -9.87 12.27
C GLU A 159 10.75 -11.19 11.56
N LYS A 160 11.08 -12.31 12.17
CA LYS A 160 10.85 -13.60 11.54
C LYS A 160 9.38 -13.83 11.23
N ALA A 161 8.47 -13.44 12.14
CA ALA A 161 7.06 -13.61 11.90
C ALA A 161 6.63 -12.82 10.67
N ILE A 162 7.11 -11.59 10.56
CA ILE A 162 6.77 -10.77 9.41
C ILE A 162 7.30 -11.38 8.12
N GLN A 163 8.55 -11.85 8.14
CA GLN A 163 9.11 -12.55 6.97
C GLN A 163 8.27 -13.75 6.56
N LYS A 164 7.90 -14.57 7.52
CA LYS A 164 7.13 -15.76 7.21
C LYS A 164 5.77 -15.41 6.63
N GLU A 165 5.15 -14.41 7.19
CA GLU A 165 3.86 -13.95 6.72
C GLU A 165 3.94 -13.48 5.24
N ILE A 166 4.93 -12.65 4.92
CA ILE A 166 5.07 -12.13 3.55
C ILE A 166 5.34 -13.29 2.59
N MET A 167 6.26 -14.19 2.94
CA MET A 167 6.60 -15.23 1.98
CA MET A 167 6.63 -15.28 2.06
C MET A 167 5.49 -16.25 1.77
N LYS A 168 4.69 -16.52 2.79
CA LYS A 168 3.60 -17.48 2.61
C LYS A 168 2.36 -16.87 1.99
N TYR A 169 2.03 -15.65 2.42
CA TYR A 169 0.72 -15.08 2.12
C TYR A 169 0.75 -13.79 1.27
N GLY A 170 1.90 -13.15 1.13
CA GLY A 170 2.07 -12.01 0.24
C GLY A 170 2.36 -10.73 0.96
N PRO A 171 2.54 -9.66 0.22
CA PRO A 171 2.87 -8.35 0.80
C PRO A 171 1.89 -7.95 1.90
N VAL A 172 2.40 -7.17 2.85
CA VAL A 172 1.62 -6.71 3.99
C VAL A 172 1.56 -5.18 3.99
N GLU A 173 0.54 -4.61 4.64
CA GLU A 173 0.56 -3.18 4.91
C GLU A 173 1.30 -2.93 6.21
N ALA A 174 1.96 -1.77 6.30
CA ALA A 174 2.67 -1.43 7.55
C ALA A 174 2.72 0.09 7.75
N GLY A 175 2.61 0.47 9.00
CA GLY A 175 2.83 1.86 9.38
C GLY A 175 4.25 2.09 9.89
N PHE A 176 4.70 3.34 9.78
CA PHE A 176 5.97 3.71 10.38
C PHE A 176 5.97 5.21 10.62
N THR A 177 6.93 5.66 11.41
CA THR A 177 7.06 7.05 11.79
C THR A 177 7.90 7.78 10.76
N VAL A 178 7.35 8.89 10.20
CA VAL A 178 8.05 9.72 9.24
C VAL A 178 8.74 10.87 9.96
N TYR A 179 10.05 10.93 9.79
CA TYR A 179 10.84 12.09 10.21
C TYR A 179 11.21 12.94 8.99
N GLU A 180 11.58 14.22 9.21
CA GLU A 180 11.74 15.10 8.08
C GLU A 180 12.72 14.57 7.05
N ASP A 181 13.77 13.85 7.49
CA ASP A 181 14.79 13.37 6.53
C ASP A 181 14.27 12.32 5.55
N PHE A 182 13.15 11.68 5.89
CA PHE A 182 12.55 10.71 4.96
C PHE A 182 12.10 11.43 3.66
N LEU A 183 11.68 12.69 3.78
CA LEU A 183 11.25 13.43 2.60
C LEU A 183 12.39 13.75 1.65
N ASN A 184 13.62 13.64 2.12
CA ASN A 184 14.81 13.78 1.25
C ASN A 184 15.31 12.47 0.67
N TYR A 185 14.62 11.36 0.91
CA TYR A 185 15.13 10.06 0.47
C TYR A 185 15.15 10.04 -1.06
N LYS A 186 16.30 9.62 -1.60
CA LYS A 186 16.46 9.36 -3.05
C LYS A 186 16.69 7.88 -3.33
N SER A 187 17.55 7.25 -2.54
CA SER A 187 17.91 5.85 -2.75
C SER A 187 18.62 5.31 -1.53
N GLY A 188 18.78 3.99 -1.50
CA GLY A 188 19.56 3.34 -0.45
C GLY A 188 18.70 2.80 0.66
N ILE A 189 19.39 2.50 1.75
CA ILE A 189 18.74 1.94 2.91
C ILE A 189 18.55 3.03 3.95
N TYR A 190 17.31 3.44 4.11
CA TYR A 190 16.93 4.52 5.00
C TYR A 190 17.04 4.12 6.47
N LYS A 191 17.51 5.07 7.26
CA LYS A 191 17.28 5.10 8.70
C LYS A 191 17.14 6.57 9.13
N HIS A 192 16.50 6.80 10.27
CA HIS A 192 16.32 8.17 10.76
C HIS A 192 17.63 8.70 11.30
N ILE A 193 18.11 9.77 10.69
CA ILE A 193 19.33 10.44 11.11
CA ILE A 193 19.34 10.45 11.08
C ILE A 193 19.07 11.89 11.55
N THR A 194 18.27 12.64 10.80
CA THR A 194 17.98 14.03 11.09
C THR A 194 16.50 14.32 11.01
N GLY A 195 16.09 15.42 11.61
CA GLY A 195 14.73 15.91 11.46
C GLY A 195 13.78 15.43 12.51
N GLU A 196 12.70 16.21 12.64
CA GLU A 196 11.67 15.92 13.62
C GLU A 196 10.55 15.11 12.95
N THR A 197 9.66 14.60 13.79
CA THR A 197 8.54 13.83 13.28
C THR A 197 7.54 14.66 12.47
N LEU A 198 7.04 14.02 11.43
CA LEU A 198 5.88 14.45 10.63
C LEU A 198 4.67 13.56 10.83
N GLY A 199 4.69 12.75 11.87
CA GLY A 199 3.60 11.81 12.10
C GLY A 199 3.98 10.51 11.51
N GLY A 200 3.02 9.82 10.92
CA GLY A 200 3.27 8.51 10.35
C GLY A 200 3.11 8.48 8.85
N HIS A 201 3.22 7.24 8.36
CA HIS A 201 2.96 6.92 6.97
C HIS A 201 2.59 5.43 6.89
N ALA A 202 1.87 5.06 5.85
CA ALA A 202 1.46 3.67 5.65
C ALA A 202 1.91 3.26 4.28
N ILE A 203 2.51 2.05 4.20
CA ILE A 203 3.18 1.56 2.98
C ILE A 203 2.93 0.07 2.82
N ARG A 204 3.56 -0.55 1.81
CA ARG A 204 3.33 -1.98 1.50
C ARG A 204 4.73 -2.62 1.53
N ILE A 205 4.95 -3.55 2.44
CA ILE A 205 6.21 -4.28 2.49
C ILE A 205 6.12 -5.52 1.61
N ILE A 206 7.03 -5.59 0.60
CA ILE A 206 7.01 -6.64 -0.39
C ILE A 206 8.13 -7.67 -0.29
N GLY A 207 9.12 -7.45 0.56
CA GLY A 207 10.19 -8.41 0.73
C GLY A 207 11.30 -7.82 1.56
N TRP A 208 12.47 -8.41 1.40
CA TRP A 208 13.62 -8.07 2.22
C TRP A 208 14.90 -8.49 1.49
N GLY A 209 16.03 -7.99 1.98
CA GLY A 209 17.32 -8.34 1.42
C GLY A 209 18.40 -7.87 2.33
N VAL A 210 19.63 -7.95 1.82
CA VAL A 210 20.79 -7.48 2.55
C VAL A 210 21.81 -6.98 1.54
N GLU A 211 22.46 -5.85 1.85
CA GLU A 211 23.49 -5.34 0.97
C GLU A 211 24.63 -4.84 1.86
N ASN A 212 25.86 -5.28 1.54
CA ASN A 212 27.04 -4.87 2.31
C ASN A 212 26.80 -5.15 3.82
N LYS A 213 26.23 -6.31 4.11
CA LYS A 213 25.90 -6.77 5.47
C LYS A 213 24.74 -6.06 6.14
N ALA A 214 24.16 -5.05 5.50
CA ALA A 214 23.07 -4.26 6.07
C ALA A 214 21.73 -4.87 5.66
N PRO A 215 20.96 -5.38 6.63
CA PRO A 215 19.65 -5.94 6.29
C PRO A 215 18.58 -4.87 6.10
N TYR A 216 17.67 -5.13 5.16
CA TYR A 216 16.63 -4.17 4.89
C TYR A 216 15.29 -4.83 4.59
N TRP A 217 14.25 -4.02 4.72
CA TRP A 217 12.94 -4.31 4.13
C TRP A 217 12.86 -3.60 2.76
N LEU A 218 12.17 -4.24 1.84
CA LEU A 218 11.90 -3.69 0.50
C LEU A 218 10.43 -3.28 0.48
N ILE A 219 10.17 -2.00 0.17
CA ILE A 219 8.88 -1.38 0.38
C ILE A 219 8.42 -0.62 -0.82
N ALA A 220 7.14 -0.77 -1.16
CA ALA A 220 6.50 0.11 -2.17
C ALA A 220 5.86 1.31 -1.48
N ASN A 221 6.26 2.51 -1.89
CA ASN A 221 5.56 3.71 -1.46
C ASN A 221 4.45 4.00 -2.48
N SER A 222 3.58 4.95 -2.14
CA SER A 222 2.43 5.37 -2.96
C SER A 222 2.59 6.84 -3.44
N TRP A 223 3.82 7.18 -3.83
CA TRP A 223 4.17 8.53 -4.25
C TRP A 223 4.68 8.55 -5.69
N ASN A 224 4.18 7.61 -6.49
CA ASN A 224 4.58 7.44 -7.91
C ASN A 224 5.99 6.93 -8.13
N GLU A 225 6.31 6.62 -9.38
CA GLU A 225 7.57 6.02 -9.76
C GLU A 225 8.77 6.92 -9.72
N ASP A 226 8.55 8.22 -9.68
CA ASP A 226 9.68 9.16 -9.63
C ASP A 226 10.28 9.20 -8.23
N TRP A 227 9.48 8.88 -7.21
CA TRP A 227 9.98 8.95 -5.84
C TRP A 227 10.86 7.77 -5.52
N GLY A 228 11.98 8.01 -4.85
CA GLY A 228 12.83 6.90 -4.40
C GLY A 228 13.38 6.06 -5.50
N GLU A 229 13.39 4.76 -5.24
CA GLU A 229 14.00 3.78 -6.14
C GLU A 229 12.91 3.26 -7.08
N ASN A 230 12.55 4.10 -8.03
CA ASN A 230 11.44 3.74 -8.99
C ASN A 230 10.12 3.50 -8.25
N GLY A 231 9.91 4.24 -7.15
CA GLY A 231 8.68 4.16 -6.37
C GLY A 231 8.81 3.41 -5.06
N TYR A 232 9.88 2.63 -4.93
CA TYR A 232 10.19 1.80 -3.77
C TYR A 232 11.21 2.47 -2.85
N PHE A 233 11.34 1.98 -1.62
CA PHE A 233 12.47 2.29 -0.81
C PHE A 233 12.87 1.07 0.00
N ARG A 234 14.04 1.22 0.60
CA ARG A 234 14.54 0.24 1.55
C ARG A 234 14.77 0.90 2.87
N ILE A 235 14.57 0.16 3.97
CA ILE A 235 14.72 0.68 5.33
C ILE A 235 15.38 -0.44 6.16
N VAL A 236 16.17 -0.03 7.14
CA VAL A 236 16.80 -0.94 8.09
C VAL A 236 15.78 -1.96 8.59
N ARG A 237 16.19 -3.25 8.61
CA ARG A 237 15.40 -4.35 9.13
C ARG A 237 16.03 -4.98 10.35
N GLY A 238 15.21 -5.27 11.37
CA GLY A 238 15.61 -6.03 12.55
C GLY A 238 15.71 -5.24 13.81
N ARG A 239 15.61 -3.90 13.72
CA ARG A 239 15.80 -2.99 14.86
CA ARG A 239 15.79 -3.01 14.88
C ARG A 239 14.56 -2.12 15.12
N ASP A 240 13.40 -2.51 14.54
CA ASP A 240 12.17 -1.71 14.64
C ASP A 240 12.41 -0.27 14.29
N GLU A 241 13.18 -0.05 13.24
CA GLU A 241 13.52 1.31 12.78
C GLU A 241 12.25 2.07 12.45
N CYS A 242 12.05 3.25 13.06
CA CYS A 242 10.86 4.05 12.83
C CYS A 242 9.60 3.24 13.03
N SER A 243 9.62 2.26 13.91
CA SER A 243 8.43 1.40 14.22
C SER A 243 7.99 0.52 13.07
N ILE A 244 8.90 0.26 12.12
CA ILE A 244 8.47 -0.50 10.93
C ILE A 244 8.06 -1.93 11.18
N GLU A 245 8.50 -2.53 12.28
CA GLU A 245 8.08 -3.89 12.64
C GLU A 245 6.89 -3.96 13.59
N SER A 246 6.35 -2.81 13.99
CA SER A 246 5.38 -2.72 15.06
C SER A 246 3.95 -2.37 14.65
N GLU A 247 3.72 -2.09 13.37
CA GLU A 247 2.39 -1.70 12.90
CA GLU A 247 2.42 -1.67 12.86
C GLU A 247 2.04 -2.42 11.59
N VAL A 248 2.29 -3.73 11.55
CA VAL A 248 2.02 -4.53 10.36
C VAL A 248 0.61 -5.11 10.45
N THR A 249 -0.12 -5.01 9.34
CA THR A 249 -1.52 -5.54 9.26
C THR A 249 -1.72 -6.18 7.92
N ALA A 250 -2.42 -7.31 7.88
CA ALA A 250 -2.77 -7.94 6.64
C ALA A 250 -4.03 -8.78 6.80
N GLY A 251 -4.23 -9.73 5.89
CA GLY A 251 -5.45 -10.51 5.89
C GLY A 251 -5.42 -11.50 4.74
N ARG A 252 -6.38 -12.41 4.75
CA ARG A 252 -6.41 -13.51 3.82
C ARG A 252 -7.80 -13.64 3.21
N ILE A 253 -7.87 -14.14 1.98
CA ILE A 253 -9.18 -14.41 1.34
C ILE A 253 -9.78 -15.76 1.73
N ASN A 254 -8.98 -16.63 2.34
CA ASN A 254 -9.44 -17.98 2.68
C ASN A 254 -8.69 -18.54 3.89
C ACT B . -14.96 -11.89 -4.02
O ACT B . -15.12 -11.65 -2.81
OXT ACT B . -13.81 -11.93 -4.54
CH3 ACT B . -16.17 -12.17 -4.89
C ACT C . -3.09 2.35 -9.95
O ACT C . -3.95 1.45 -9.66
OXT ACT C . -3.13 3.53 -9.50
CH3 ACT C . -1.98 2.03 -10.91
OAW ORW D . -2.51 10.29 9.87
CAN ORW D . -3.26 9.33 10.29
N ORW D . -3.03 7.98 9.98
CA ORW D . -1.93 7.71 9.07
CB ORW D . -1.68 6.22 8.81
CG ORW D . -0.98 5.51 9.98
CD2 ORW D . 0.44 6.00 10.30
CD1 ORW D . -0.94 4.00 9.69
C ORW D . -2.22 8.36 7.70
O ORW D . -3.29 8.22 7.17
NAE ORW D . -1.24 9.08 7.08
CAF ORW D . 0.11 9.33 7.59
NAC ORW D . -1.53 9.74 5.90
CAD ORW D . -2.05 11.08 6.04
CAB ORW D . -1.16 9.15 4.72
NAA ORW D . -1.21 9.63 3.59
NAO ORW D . -4.42 9.55 10.99
CAP ORW D . -4.99 10.87 11.25
CAQ ORW D . -4.39 11.65 12.42
CAV ORW D . -4.56 13.04 12.44
CAU ORW D . -4.02 13.80 13.49
CAT ORW D . -3.29 13.17 14.52
CAS ORW D . -3.09 11.77 14.51
CAR ORW D . -3.66 11.02 13.45
#